data_4B0P
#
_entry.id   4B0P
#
_cell.length_a   154.230
_cell.length_b   154.230
_cell.length_c   133.860
_cell.angle_alpha   90.00
_cell.angle_beta   90.00
_cell.angle_gamma   90.00
#
_symmetry.space_group_name_H-M   'I 4 2 2'
#
loop_
_entity.id
_entity.type
_entity.pdbx_description
1 polymer CHOLINESTERASE
2 branched 2-acetamido-2-deoxy-beta-D-glucopyranose-(1-4)-[beta-L-fucopyranose-(1-6)]2-acetamido-2-deoxy-beta-D-glucopyranose
3 non-polymer GLYCINE
4 non-polymer 'SODIUM ION'
5 non-polymer 'POTASSIUM ION'
6 non-polymer 1-(1-methylpyridin-1-ium-2-yl)-N-[[2,3,4,5,6-pentakis(fluoranyl)phenyl]methoxy]methanimine
7 non-polymer 2-acetamido-2-deoxy-beta-D-glucopyranose
8 non-polymer 'CALCIUM ION'
9 non-polymer 'CHLORIDE ION'
10 water water
#
_entity_poly.entity_id   1
_entity_poly.type   'polypeptide(L)'
_entity_poly.pdbx_seq_one_letter_code
;EDDIIIATKNGKVRGMQLTVFGGTVTAFLGIPYAQPPLGRLRFKKPQSLTKWSDIWNATKYANSCCQNIDQSFPGFHGSE
MWNPNTDLSEDCLYLNVWIPAPKPKNATVLIWIYGGGFQTGTSSLHVYDGKFLARVERVIVVSMNYRVGALGFLALPGNP
EAPGNMGLFDQQLALQWVQKNIAAFGGNPKSVTLFGE(SBG)AGAASVSLHLLSPGSHSLFTRAILQSGSFNAPWAVTSL
YEARNRTLNLAKLTGCSRENETEIIKCLRNKDPQEILLNEAFVVPYGTPLSVNFGPTVDGDFLTDMPDILLELGQFKKTQ
ILVGVNKDEGTAFLVYGAPGFSKDNNSIITRKEFQEGLKIFFPGVSEFGKESILFHYTDWVDDQRPEQYREALGDVVGDY
NFICPALEFTKKFSEWGNNAFFYYFEHRSSKLPWPEWMGVMHGYEIEFVFGLPLERRDQYTKAEEILSRSIVKRWANFAK
YGNPQETQNNSTSWPVFKSTEQKYLTLNTESTRIMTKLRAQQCRFWTSFFPKV
;
_entity_poly.pdbx_strand_id   A
#
loop_
_chem_comp.id
_chem_comp.type
_chem_comp.name
_chem_comp.formula
CA non-polymer 'CALCIUM ION' 'Ca 2'
CL non-polymer 'CHLORIDE ION' 'Cl -1'
FUL L-saccharide, beta linking beta-L-fucopyranose 'C6 H12 O5'
K non-polymer 'POTASSIUM ION' 'K 1'
MF5 non-polymer 1-(1-methylpyridin-1-ium-2-yl)-N-[[2,3,4,5,6-pentakis(fluoranyl)phenyl]methoxy]methanimine 'C14 H10 F5 N2 O 1'
NA non-polymer 'SODIUM ION' 'Na 1'
NAG D-saccharide, beta linking 2-acetamido-2-deoxy-beta-D-glucopyranose 'C8 H15 N O6'
SBG non-polymer O-[(S)-HYDROXY(METHYL)PHOSPHORYL]-L-SERINE 'C4 H10 N O5 P'
#
# COMPACT_ATOMS: atom_id res chain seq x y z
N ASP A 3 -8.72 33.56 -4.96
CA ASP A 3 -8.20 33.20 -3.64
C ASP A 3 -9.15 32.24 -2.94
N ILE A 4 -8.68 31.05 -2.63
CA ILE A 4 -9.58 30.01 -2.11
C ILE A 4 -9.35 29.54 -0.68
N ILE A 5 -10.41 29.66 0.10
CA ILE A 5 -10.40 29.41 1.51
C ILE A 5 -11.66 28.62 1.84
N ILE A 6 -11.49 27.50 2.53
CA ILE A 6 -12.61 26.64 2.89
C ILE A 6 -12.72 26.54 4.40
N ALA A 7 -13.92 26.74 4.93
CA ALA A 7 -14.15 26.59 6.36
C ALA A 7 -14.42 25.13 6.72
N THR A 8 -13.40 24.45 7.24
CA THR A 8 -13.57 23.11 7.76
C THR A 8 -14.17 23.21 9.15
N LYS A 9 -14.48 22.07 9.76
CA LYS A 9 -15.10 22.05 11.08
C LYS A 9 -14.14 22.51 12.17
N ASN A 10 -12.84 22.47 11.88
CA ASN A 10 -11.83 22.88 12.85
C ASN A 10 -11.29 24.28 12.58
N GLY A 11 -11.67 24.85 11.44
CA GLY A 11 -11.26 26.19 11.11
C GLY A 11 -11.07 26.40 9.63
N LYS A 12 -10.80 27.65 9.25
CA LYS A 12 -10.54 27.99 7.87
C LYS A 12 -9.20 27.43 7.43
N VAL A 13 -9.13 26.96 6.19
CA VAL A 13 -7.86 26.57 5.57
C VAL A 13 -7.69 27.31 4.25
N ARG A 14 -6.45 27.62 3.89
CA ARG A 14 -6.18 28.25 2.61
C ARG A 14 -5.47 27.28 1.67
N GLY A 15 -5.97 27.17 0.44
CA GLY A 15 -5.37 26.29 -0.54
C GLY A 15 -4.61 27.09 -1.58
N MET A 16 -4.16 26.42 -2.64
CA MET A 16 -3.53 27.14 -3.75
C MET A 16 -3.94 26.58 -5.11
N GLN A 17 -3.97 27.47 -6.11
CA GLN A 17 -4.34 27.11 -7.47
C GLN A 17 -3.18 26.46 -8.20
N LEU A 18 -3.49 25.41 -8.97
CA LEU A 18 -2.50 24.75 -9.79
C LEU A 18 -2.92 24.75 -11.25
N THR A 19 -1.96 25.00 -12.13
CA THR A 19 -2.21 24.88 -13.56
C THR A 19 -1.95 23.45 -13.99
N VAL A 20 -3.00 22.74 -14.37
CA VAL A 20 -2.87 21.36 -14.86
C VAL A 20 -3.64 21.21 -16.17
N PHE A 21 -2.93 20.94 -17.26
CA PHE A 21 -3.55 20.66 -18.56
C PHE A 21 -4.50 21.76 -19.05
N GLY A 22 -4.07 23.01 -19.01
CA GLY A 22 -4.91 24.10 -19.48
C GLY A 22 -6.13 24.36 -18.61
N GLY A 23 -6.16 23.74 -17.44
CA GLY A 23 -7.22 23.97 -16.49
C GLY A 23 -6.64 24.24 -15.11
N THR A 24 -7.51 24.30 -14.12
CA THR A 24 -7.08 24.58 -12.75
C THR A 24 -7.49 23.43 -11.83
N VAL A 25 -6.59 23.08 -10.91
CA VAL A 25 -6.93 22.22 -9.79
C VAL A 25 -6.58 23.01 -8.55
N THR A 26 -7.38 22.88 -7.49
CA THR A 26 -7.07 23.54 -6.24
C THR A 26 -6.49 22.54 -5.25
N ALA A 27 -5.32 22.84 -4.72
CA ALA A 27 -4.67 21.93 -3.77
C ALA A 27 -4.63 22.47 -2.37
N PHE A 28 -4.97 21.61 -1.42
CA PHE A 28 -4.80 21.88 -0.02
C PHE A 28 -3.80 20.85 0.49
N LEU A 29 -2.55 21.28 0.65
CA LEU A 29 -1.50 20.36 1.06
C LEU A 29 -1.20 20.57 2.54
N GLY A 30 -1.20 19.49 3.31
CA GLY A 30 -0.82 19.57 4.72
C GLY A 30 -1.88 20.11 5.66
N ILE A 31 -3.09 19.59 5.57
CA ILE A 31 -4.13 19.92 6.54
C ILE A 31 -3.98 18.98 7.75
N PRO A 32 -3.87 19.54 8.96
CA PRO A 32 -3.74 18.64 10.11
C PRO A 32 -5.07 17.95 10.39
N TYR A 33 -5.02 16.69 10.81
CA TYR A 33 -6.27 15.98 11.11
C TYR A 33 -6.26 15.32 12.49
N ALA A 34 -5.22 15.57 13.26
CA ALA A 34 -5.11 15.04 14.62
C ALA A 34 -4.08 15.87 15.37
N GLN A 35 -4.09 15.80 16.69
CA GLN A 35 -3.02 16.44 17.44
C GLN A 35 -1.75 15.68 17.13
N PRO A 36 -0.63 16.40 17.01
CA PRO A 36 0.66 15.73 16.84
C PRO A 36 0.82 14.69 17.96
N PRO A 37 1.21 13.47 17.60
CA PRO A 37 1.32 12.43 18.63
C PRO A 37 2.66 12.45 19.34
N LEU A 38 2.90 13.49 20.15
CA LEU A 38 4.19 13.71 20.79
C LEU A 38 4.11 13.56 22.31
N GLY A 39 5.26 13.41 22.95
CA GLY A 39 5.34 13.29 24.39
C GLY A 39 4.51 12.13 24.92
N ARG A 40 3.56 12.44 25.79
CA ARG A 40 2.66 11.42 26.34
C ARG A 40 1.82 10.75 25.24
N LEU A 41 1.70 11.42 24.09
CA LEU A 41 0.87 10.90 23.00
C LEU A 41 1.57 9.90 22.08
N ARG A 42 2.87 9.70 22.27
CA ARG A 42 3.59 8.71 21.48
C ARG A 42 3.06 7.31 21.79
N PHE A 43 2.87 6.51 20.74
CA PHE A 43 2.33 5.13 20.82
C PHE A 43 0.83 5.05 21.06
N LYS A 44 0.18 6.18 21.28
CA LYS A 44 -1.26 6.17 21.49
C LYS A 44 -2.03 6.34 20.18
N LYS A 45 -3.29 5.92 20.19
CA LYS A 45 -4.21 6.21 19.10
C LYS A 45 -4.24 7.72 18.92
N PRO A 46 -4.48 8.19 17.68
CA PRO A 46 -4.49 9.64 17.43
C PRO A 46 -5.60 10.32 18.22
N GLN A 47 -5.35 11.58 18.62
CA GLN A 47 -6.33 12.37 19.32
C GLN A 47 -6.95 13.36 18.34
N SER A 48 -8.18 13.79 18.60
CA SER A 48 -8.86 14.70 17.70
C SER A 48 -8.29 16.10 17.83
N LEU A 49 -8.52 16.93 16.82
CA LEU A 49 -7.86 18.22 16.71
C LEU A 49 -8.50 19.33 17.54
N THR A 50 -7.62 20.11 18.17
CA THR A 50 -7.96 21.28 18.98
C THR A 50 -9.03 22.19 18.40
N LYS A 51 -8.84 22.57 17.14
CA LYS A 51 -9.58 23.61 16.40
C LYS A 51 -8.96 25.00 16.56
N TRP A 52 -8.98 25.78 15.49
CA TRP A 52 -8.30 27.07 15.47
C TRP A 52 -9.13 28.18 14.85
N SER A 53 -8.82 29.42 15.22
CA SER A 53 -9.24 30.59 14.47
C SER A 53 -8.10 30.97 13.54
N ASP A 54 -8.30 32.02 12.75
CA ASP A 54 -7.33 32.40 11.71
CA ASP A 54 -7.39 32.42 11.67
C ASP A 54 -7.21 31.30 10.65
N ILE A 55 -6.59 31.62 9.52
CA ILE A 55 -6.46 30.63 8.46
C ILE A 55 -5.24 29.72 8.66
N TRP A 56 -5.44 28.43 8.42
CA TRP A 56 -4.32 27.51 8.26
C TRP A 56 -3.89 27.51 6.79
N ASN A 57 -2.62 27.81 6.55
CA ASN A 57 -2.11 27.80 5.17
C ASN A 57 -1.75 26.38 4.72
N ALA A 58 -2.65 25.76 3.98
CA ALA A 58 -2.41 24.42 3.44
C ALA A 58 -1.77 24.51 2.06
N THR A 59 -0.54 25.03 2.02
CA THR A 59 0.09 25.41 0.76
C THR A 59 1.41 24.70 0.47
N LYS A 60 1.81 23.79 1.34
CA LYS A 60 2.96 22.93 1.06
C LYS A 60 2.77 21.60 1.78
N TYR A 61 3.33 20.54 1.20
CA TYR A 61 3.27 19.22 1.82
C TYR A 61 3.84 19.31 3.23
N ALA A 62 3.30 18.52 4.14
CA ALA A 62 3.72 18.57 5.54
C ALA A 62 4.86 17.57 5.80
N ASN A 63 5.36 17.58 7.04
CA ASN A 63 6.30 16.56 7.49
C ASN A 63 5.83 15.16 7.16
N SER A 64 6.77 14.30 6.78
CA SER A 64 6.52 12.87 6.68
C SER A 64 6.78 12.25 8.05
N CYS A 65 6.18 11.11 8.34
CA CYS A 65 6.37 10.45 9.62
C CYS A 65 7.76 9.84 9.73
N CYS A 66 8.31 9.85 10.94
CA CYS A 66 9.59 9.24 11.24
C CYS A 66 9.71 7.85 10.64
N GLN A 67 10.85 7.58 10.02
CA GLN A 67 11.07 6.30 9.35
C GLN A 67 12.52 6.18 8.92
N ASN A 68 13.00 4.94 8.77
CA ASN A 68 14.31 4.69 8.20
C ASN A 68 14.24 4.74 6.68
N ILE A 69 15.29 5.23 6.06
CA ILE A 69 15.33 5.40 4.61
C ILE A 69 16.26 4.38 3.99
N ASP A 70 15.79 3.69 2.96
CA ASP A 70 16.74 2.80 2.32
CA ASP A 70 16.60 2.82 2.09
C ASP A 70 17.83 3.57 1.56
N GLN A 71 19.03 3.09 1.80
CA GLN A 71 20.22 3.75 1.31
C GLN A 71 21.09 2.74 0.57
N SER A 72 20.45 1.72 0.02
CA SER A 72 21.16 0.72 -0.77
C SER A 72 21.75 1.32 -2.04
N PHE A 73 21.02 2.21 -2.67
CA PHE A 73 21.48 2.81 -3.93
C PHE A 73 21.43 4.32 -3.89
N PRO A 74 22.34 4.92 -3.12
CA PRO A 74 22.36 6.39 -3.03
C PRO A 74 22.61 7.03 -4.39
N GLY A 75 21.77 8.01 -4.73
CA GLY A 75 21.89 8.71 -6.00
C GLY A 75 21.11 8.07 -7.13
N PHE A 76 20.46 6.94 -6.86
CA PHE A 76 19.75 6.20 -7.89
C PHE A 76 18.25 6.48 -7.84
N HIS A 77 17.71 6.98 -8.94
CA HIS A 77 16.33 7.44 -8.96
C HIS A 77 15.32 6.30 -8.73
N GLY A 78 15.66 5.09 -9.15
CA GLY A 78 14.77 3.96 -9.01
C GLY A 78 14.40 3.71 -7.56
N SER A 79 15.35 3.92 -6.65
CA SER A 79 15.08 3.69 -5.24
C SER A 79 14.75 4.99 -4.52
N GLU A 80 15.44 6.08 -4.89
CA GLU A 80 15.26 7.34 -4.18
C GLU A 80 13.87 7.97 -4.38
N MET A 81 13.21 7.64 -5.50
CA MET A 81 11.86 8.13 -5.75
C MET A 81 10.84 7.68 -4.69
N TRP A 82 11.25 6.75 -3.82
CA TRP A 82 10.37 6.25 -2.77
C TRP A 82 10.66 6.84 -1.40
N ASN A 83 11.86 7.40 -1.24
CA ASN A 83 12.23 8.03 0.03
C ASN A 83 11.47 9.33 0.27
N PRO A 84 11.19 9.64 1.55
CA PRO A 84 10.40 10.83 1.90
C PRO A 84 10.99 12.09 1.29
N ASN A 85 10.14 13.02 0.89
CA ASN A 85 10.59 14.27 0.27
C ASN A 85 10.20 15.49 1.08
N THR A 86 9.92 15.26 2.36
CA THR A 86 9.75 16.33 3.34
C THR A 86 10.46 15.90 4.60
N ASP A 87 10.69 16.83 5.52
CA ASP A 87 11.32 16.52 6.80
C ASP A 87 10.60 15.39 7.52
N LEU A 88 11.37 14.50 8.12
CA LEU A 88 10.80 13.49 8.99
C LEU A 88 10.55 14.15 10.34
N SER A 89 9.40 13.87 10.92
CA SER A 89 9.04 14.41 12.22
C SER A 89 7.96 13.51 12.80
N GLU A 90 7.80 13.51 14.12
CA GLU A 90 6.70 12.78 14.73
C GLU A 90 5.42 13.56 14.46
N ASP A 91 5.56 14.88 14.39
CA ASP A 91 4.47 15.77 14.00
C ASP A 91 4.21 15.59 12.50
N CYS A 92 3.44 14.57 12.15
CA CYS A 92 3.29 14.21 10.75
C CYS A 92 1.85 13.87 10.36
N LEU A 93 0.92 14.01 11.31
CA LEU A 93 -0.46 13.63 11.03
C LEU A 93 -1.21 14.69 10.22
N TYR A 94 -0.97 14.68 8.92
CA TYR A 94 -1.55 15.66 8.02
C TYR A 94 -2.12 14.95 6.80
N LEU A 95 -3.05 15.59 6.11
CA LEU A 95 -3.60 15.03 4.88
C LEU A 95 -3.59 16.07 3.75
N ASN A 96 -3.81 15.62 2.52
CA ASN A 96 -3.87 16.51 1.37
C ASN A 96 -5.18 16.36 0.60
N VAL A 97 -5.63 17.45 -0.01
CA VAL A 97 -6.89 17.44 -0.74
C VAL A 97 -6.74 18.14 -2.10
N TRP A 98 -7.01 17.42 -3.17
CA TRP A 98 -7.07 18.02 -4.50
C TRP A 98 -8.52 18.05 -4.98
N ILE A 99 -9.03 19.24 -5.26
CA ILE A 99 -10.38 19.35 -5.80
C ILE A 99 -10.35 20.01 -7.18
N PRO A 100 -11.26 19.59 -8.08
CA PRO A 100 -11.38 20.17 -9.41
C PRO A 100 -11.64 21.67 -9.37
N ALA A 101 -11.39 22.33 -10.48
CA ALA A 101 -11.83 23.71 -10.66
C ALA A 101 -12.59 23.81 -11.99
N PRO A 102 -13.76 24.46 -11.97
CA PRO A 102 -14.41 25.04 -10.80
C PRO A 102 -14.85 23.99 -9.77
N LYS A 103 -15.10 24.46 -8.55
CA LYS A 103 -15.48 23.61 -7.42
C LYS A 103 -16.60 22.65 -7.79
N PRO A 104 -16.40 21.35 -7.57
CA PRO A 104 -17.37 20.37 -8.06
C PRO A 104 -18.64 20.44 -7.21
N LYS A 105 -19.74 19.95 -7.75
CA LYS A 105 -20.99 20.04 -7.01
C LYS A 105 -21.16 18.93 -5.96
N ASN A 106 -20.84 17.69 -6.31
CA ASN A 106 -20.99 16.56 -5.40
C ASN A 106 -20.03 15.44 -5.80
N ALA A 107 -18.74 15.77 -5.86
CA ALA A 107 -17.75 14.88 -6.44
C ALA A 107 -17.46 13.63 -5.63
N THR A 108 -17.18 12.55 -6.34
CA THR A 108 -16.72 11.30 -5.72
C THR A 108 -15.29 11.47 -5.23
N VAL A 109 -15.00 10.88 -4.08
CA VAL A 109 -13.71 11.08 -3.42
C VAL A 109 -12.88 9.80 -3.46
N LEU A 110 -11.63 9.94 -3.87
CA LEU A 110 -10.66 8.85 -3.83
C LEU A 110 -9.68 9.13 -2.71
N ILE A 111 -9.49 8.17 -1.82
CA ILE A 111 -8.54 8.33 -0.73
C ILE A 111 -7.37 7.38 -0.86
N TRP A 112 -6.19 7.95 -1.06
CA TRP A 112 -4.97 7.17 -1.26
C TRP A 112 -4.33 6.78 0.06
N ILE A 113 -3.99 5.51 0.20
CA ILE A 113 -3.22 5.03 1.35
C ILE A 113 -1.92 4.42 0.83
N TYR A 114 -0.80 5.09 1.05
CA TYR A 114 0.48 4.62 0.51
C TYR A 114 0.99 3.32 1.14
N GLY A 115 1.80 2.60 0.40
CA GLY A 115 2.50 1.44 0.92
C GLY A 115 3.86 1.80 1.48
N GLY A 116 4.67 0.78 1.77
CA GLY A 116 5.96 0.97 2.41
C GLY A 116 6.19 -0.05 3.51
N GLY A 117 5.55 -1.21 3.39
CA GLY A 117 5.73 -2.30 4.32
C GLY A 117 5.38 -1.95 5.76
N PHE A 118 4.53 -0.93 5.92
CA PHE A 118 4.17 -0.38 7.24
C PHE A 118 5.36 0.18 8.00
N GLN A 119 6.53 0.25 7.37
CA GLN A 119 7.73 0.80 8.02
C GLN A 119 8.12 2.14 7.40
N THR A 120 7.75 2.34 6.15
CA THR A 120 8.11 3.55 5.42
C THR A 120 6.92 4.11 4.66
N GLY A 121 7.13 5.26 4.02
CA GLY A 121 6.09 5.81 3.17
C GLY A 121 5.74 7.25 3.52
N THR A 122 5.21 7.96 2.53
CA THR A 122 4.70 9.29 2.74
C THR A 122 3.77 9.64 1.58
N SER A 123 2.83 10.55 1.82
CA SER A 123 1.81 10.85 0.82
C SER A 123 2.25 11.95 -0.13
N SER A 124 3.44 12.52 0.12
CA SER A 124 3.94 13.62 -0.70
C SER A 124 4.81 13.18 -1.89
N LEU A 125 4.91 11.88 -2.13
CA LEU A 125 5.65 11.38 -3.29
C LEU A 125 5.06 11.88 -4.62
N HIS A 126 5.94 12.13 -5.59
CA HIS A 126 5.57 12.63 -6.91
C HIS A 126 4.58 11.70 -7.63
N VAL A 127 4.72 10.40 -7.45
CA VAL A 127 3.82 9.44 -8.11
C VAL A 127 2.48 9.27 -7.40
N TYR A 128 2.30 9.95 -6.28
CA TYR A 128 0.99 9.99 -5.62
C TYR A 128 0.30 11.34 -5.78
N ASP A 129 0.77 12.18 -6.71
CA ASP A 129 0.18 13.51 -6.89
C ASP A 129 -1.25 13.41 -7.46
N GLY A 130 -2.23 13.85 -6.67
CA GLY A 130 -3.62 13.71 -7.07
C GLY A 130 -4.18 14.77 -8.00
N LYS A 131 -3.34 15.68 -8.49
CA LYS A 131 -3.84 16.80 -9.29
C LYS A 131 -4.35 16.37 -10.66
N PHE A 132 -3.75 15.34 -11.24
CA PHE A 132 -4.16 14.87 -12.56
C PHE A 132 -5.54 14.24 -12.51
N LEU A 133 -5.74 13.37 -11.52
CA LEU A 133 -7.04 12.75 -11.30
C LEU A 133 -8.12 13.79 -11.10
N ALA A 134 -7.81 14.79 -10.27
CA ALA A 134 -8.74 15.87 -10.02
C ALA A 134 -9.07 16.59 -11.33
N ARG A 135 -8.04 16.89 -12.11
CA ARG A 135 -8.20 17.59 -13.38
C ARG A 135 -8.99 16.79 -14.41
N VAL A 136 -8.61 15.54 -14.61
CA VAL A 136 -9.11 14.73 -15.72
C VAL A 136 -10.47 14.05 -15.47
N GLU A 137 -10.66 13.51 -14.27
CA GLU A 137 -11.89 12.78 -13.98
C GLU A 137 -12.85 13.57 -13.11
N ARG A 138 -12.40 14.76 -12.71
CA ARG A 138 -13.14 15.61 -11.78
C ARG A 138 -13.61 14.87 -10.53
N VAL A 139 -12.72 14.05 -10.00
CA VAL A 139 -12.93 13.48 -8.68
C VAL A 139 -12.08 14.28 -7.70
N ILE A 140 -12.39 14.15 -6.41
CA ILE A 140 -11.57 14.73 -5.37
C ILE A 140 -10.60 13.67 -4.86
N VAL A 141 -9.32 14.02 -4.80
CA VAL A 141 -8.32 13.09 -4.29
C VAL A 141 -7.82 13.50 -2.91
N VAL A 142 -7.83 12.56 -1.98
CA VAL A 142 -7.34 12.80 -0.64
C VAL A 142 -6.26 11.78 -0.30
N SER A 143 -5.19 12.24 0.36
CA SER A 143 -4.16 11.34 0.85
C SER A 143 -3.71 11.80 2.22
N MET A 144 -3.27 10.86 3.05
CA MET A 144 -2.84 11.20 4.40
C MET A 144 -1.52 10.55 4.76
N ASN A 145 -0.80 11.17 5.68
CA ASN A 145 0.34 10.52 6.31
C ASN A 145 -0.13 9.76 7.54
N TYR A 146 0.38 8.55 7.72
CA TYR A 146 0.07 7.77 8.92
C TYR A 146 1.36 7.24 9.52
N ARG A 147 1.38 7.06 10.83
CA ARG A 147 2.57 6.59 11.50
C ARG A 147 2.97 5.17 11.07
N VAL A 148 4.28 4.94 11.00
CA VAL A 148 4.82 3.68 10.54
C VAL A 148 5.88 3.18 11.52
N GLY A 149 6.37 1.97 11.28
CA GLY A 149 7.37 1.37 12.14
C GLY A 149 6.87 1.22 13.56
N ALA A 150 7.80 1.20 14.51
CA ALA A 150 7.44 1.07 15.92
C ALA A 150 6.50 2.19 16.36
N LEU A 151 6.74 3.40 15.89
CA LEU A 151 5.93 4.54 16.31
C LEU A 151 4.48 4.42 15.88
N GLY A 152 4.22 3.59 14.86
CA GLY A 152 2.87 3.41 14.37
C GLY A 152 2.24 2.06 14.74
N PHE A 153 3.07 1.08 15.09
CA PHE A 153 2.55 -0.27 15.24
C PHE A 153 3.11 -1.08 16.41
N LEU A 154 3.89 -0.43 17.28
CA LEU A 154 4.35 -1.08 18.49
C LEU A 154 3.13 -1.61 19.22
N ALA A 155 3.19 -2.89 19.59
CA ALA A 155 2.03 -3.52 20.18
C ALA A 155 2.35 -4.19 21.50
N LEU A 156 1.54 -3.84 22.50
CA LEU A 156 1.54 -4.50 23.79
C LEU A 156 0.04 -4.60 24.05
N PRO A 157 -0.61 -5.59 23.42
CA PRO A 157 -2.06 -5.66 23.19
C PRO A 157 -2.94 -5.52 24.43
N GLY A 158 -4.00 -4.72 24.30
CA GLY A 158 -4.92 -4.48 25.39
C GLY A 158 -4.41 -3.42 26.36
N ASN A 159 -3.14 -3.04 26.19
CA ASN A 159 -2.55 -1.97 26.98
C ASN A 159 -2.65 -0.69 26.16
N PRO A 160 -3.48 0.25 26.62
CA PRO A 160 -3.77 1.41 25.76
C PRO A 160 -2.64 2.43 25.71
N GLU A 161 -1.59 2.25 26.50
CA GLU A 161 -0.44 3.13 26.37
C GLU A 161 0.34 2.79 25.08
N ALA A 162 0.14 1.57 24.59
CA ALA A 162 0.62 1.16 23.28
C ALA A 162 -0.19 -0.04 22.77
N PRO A 163 -1.39 0.23 22.23
CA PRO A 163 -2.38 -0.80 21.90
C PRO A 163 -2.13 -1.57 20.59
N GLY A 164 -1.29 -1.04 19.71
CA GLY A 164 -1.13 -1.61 18.39
C GLY A 164 -2.00 -0.88 17.38
N ASN A 165 -1.70 -1.05 16.09
CA ASN A 165 -2.53 -0.50 15.01
C ASN A 165 -2.75 1.01 15.00
N MET A 166 -1.84 1.76 15.62
CA MET A 166 -1.99 3.22 15.68
C MET A 166 -2.01 3.86 14.30
N GLY A 167 -1.10 3.43 13.43
CA GLY A 167 -1.08 3.87 12.05
C GLY A 167 -2.40 3.62 11.34
N LEU A 168 -2.99 2.46 11.60
CA LEU A 168 -4.31 2.13 11.03
C LEU A 168 -5.39 3.07 11.57
N PHE A 169 -5.29 3.41 12.86
CA PHE A 169 -6.20 4.39 13.43
C PHE A 169 -5.93 5.82 12.90
N ASP A 170 -4.69 6.12 12.54
CA ASP A 170 -4.38 7.41 11.91
C ASP A 170 -5.19 7.53 10.61
N GLN A 171 -5.05 6.53 9.73
CA GLN A 171 -5.81 6.48 8.49
C GLN A 171 -7.30 6.62 8.76
N GLN A 172 -7.79 5.86 9.72
CA GLN A 172 -9.20 5.88 10.06
C GLN A 172 -9.66 7.27 10.48
N LEU A 173 -8.85 7.93 11.31
CA LEU A 173 -9.19 9.28 11.74
C LEU A 173 -9.20 10.24 10.54
N ALA A 174 -8.33 10.00 9.57
CA ALA A 174 -8.33 10.79 8.34
C ALA A 174 -9.62 10.55 7.54
N LEU A 175 -10.03 9.29 7.45
CA LEU A 175 -11.32 8.96 6.84
C LEU A 175 -12.47 9.72 7.52
N GLN A 176 -12.47 9.74 8.85
CA GLN A 176 -13.44 10.53 9.63
C GLN A 176 -13.42 11.99 9.22
N TRP A 177 -12.22 12.53 9.01
CA TRP A 177 -12.06 13.93 8.62
C TRP A 177 -12.80 14.20 7.33
N VAL A 178 -12.64 13.29 6.37
CA VAL A 178 -13.30 13.41 5.08
C VAL A 178 -14.83 13.38 5.24
N GLN A 179 -15.33 12.41 5.99
CA GLN A 179 -16.75 12.32 6.28
C GLN A 179 -17.27 13.64 6.83
N LYS A 180 -16.51 14.24 7.73
CA LYS A 180 -16.96 15.46 8.40
C LYS A 180 -16.77 16.73 7.58
N ASN A 181 -15.81 16.73 6.65
CA ASN A 181 -15.42 17.99 6.01
C ASN A 181 -15.49 18.06 4.49
N ILE A 182 -15.51 16.92 3.82
CA ILE A 182 -15.32 16.94 2.37
C ILE A 182 -16.42 17.68 1.62
N ALA A 183 -17.62 17.72 2.19
CA ALA A 183 -18.74 18.41 1.56
C ALA A 183 -18.44 19.90 1.37
N ALA A 184 -17.71 20.49 2.32
CA ALA A 184 -17.29 21.89 2.21
C ALA A 184 -16.31 22.11 1.05
N PHE A 185 -15.72 21.03 0.56
CA PHE A 185 -14.80 21.10 -0.59
C PHE A 185 -15.49 20.72 -1.89
N GLY A 186 -16.79 20.43 -1.81
CA GLY A 186 -17.55 20.01 -2.97
C GLY A 186 -17.56 18.51 -3.18
N GLY A 187 -17.22 17.76 -2.13
CA GLY A 187 -17.16 16.31 -2.22
C GLY A 187 -18.36 15.60 -1.60
N ASN A 188 -18.55 14.34 -2.00
CA ASN A 188 -19.67 13.54 -1.53
C ASN A 188 -19.21 12.47 -0.56
N PRO A 189 -19.43 12.70 0.75
CA PRO A 189 -19.05 11.77 1.82
C PRO A 189 -19.70 10.41 1.63
N LYS A 190 -20.83 10.37 0.94
CA LYS A 190 -21.52 9.12 0.65
C LYS A 190 -20.91 8.37 -0.56
N SER A 191 -19.86 8.94 -1.15
CA SER A 191 -19.18 8.31 -2.29
C SER A 191 -17.67 8.42 -2.16
N VAL A 192 -17.11 7.59 -1.27
CA VAL A 192 -15.69 7.63 -0.98
C VAL A 192 -15.07 6.28 -1.32
N THR A 193 -14.04 6.29 -2.16
CA THR A 193 -13.36 5.06 -2.51
C THR A 193 -11.93 5.06 -1.99
N LEU A 194 -11.59 4.02 -1.24
CA LEU A 194 -10.24 3.85 -0.74
C LEU A 194 -9.42 3.14 -1.80
N PHE A 195 -8.23 3.67 -2.09
CA PHE A 195 -7.28 2.94 -2.90
C PHE A 195 -5.89 3.03 -2.28
N GLY A 196 -5.12 1.96 -2.42
CA GLY A 196 -3.78 1.91 -1.86
C GLY A 196 -2.97 0.84 -2.53
N GLU A 197 -1.66 0.90 -2.37
CA GLU A 197 -0.78 -0.07 -2.99
C GLU A 197 0.10 -0.75 -1.94
N SBG A 198 0.35 -2.03 -2.14
CA SBG A 198 1.17 -2.82 -1.21
CB SBG A 198 2.63 -2.42 -1.28
OG SBG A 198 3.47 -3.44 -0.79
C SBG A 198 0.61 -2.76 0.23
O SBG A 198 -0.54 -3.12 0.46
O2 SBG A 198 5.86 -2.69 -0.91
P1 SBG A 198 4.72 -3.03 0.14
O1 SBG A 198 4.34 -1.93 1.07
C1 SBG A 198 5.21 -4.50 1.03
N ALA A 199 1.41 -2.29 1.18
CA ALA A 199 0.94 -2.16 2.56
C ALA A 199 -0.28 -1.27 2.66
N GLY A 200 -0.38 -0.31 1.73
CA GLY A 200 -1.56 0.54 1.63
C GLY A 200 -2.78 -0.27 1.22
N ALA A 201 -2.58 -1.21 0.30
CA ALA A 201 -3.68 -2.08 -0.13
C ALA A 201 -4.09 -3.02 1.02
N ALA A 202 -3.10 -3.53 1.75
CA ALA A 202 -3.38 -4.35 2.92
C ALA A 202 -4.18 -3.56 3.94
N SER A 203 -3.82 -2.29 4.15
CA SER A 203 -4.59 -1.38 4.99
C SER A 203 -6.04 -1.29 4.50
N VAL A 204 -6.20 -1.13 3.19
CA VAL A 204 -7.53 -1.02 2.60
C VAL A 204 -8.34 -2.27 2.91
N SER A 205 -7.72 -3.45 2.76
CA SER A 205 -8.40 -4.71 3.05
C SER A 205 -8.81 -4.79 4.52
N LEU A 206 -7.96 -4.26 5.40
CA LEU A 206 -8.28 -4.26 6.83
C LEU A 206 -9.41 -3.30 7.15
N HIS A 207 -9.51 -2.20 6.40
CA HIS A 207 -10.64 -1.30 6.59
C HIS A 207 -11.97 -1.98 6.22
N LEU A 208 -11.91 -2.91 5.27
CA LEU A 208 -13.08 -3.69 4.91
C LEU A 208 -13.48 -4.60 6.06
N LEU A 209 -12.51 -4.92 6.92
CA LEU A 209 -12.75 -5.84 8.03
C LEU A 209 -13.04 -5.15 9.36
N SER A 210 -12.72 -3.85 9.45
CA SER A 210 -12.85 -3.12 10.70
C SER A 210 -14.19 -2.40 10.81
N PRO A 211 -14.96 -2.69 11.87
CA PRO A 211 -16.30 -2.10 11.97
C PRO A 211 -16.25 -0.58 12.11
N GLY A 212 -15.23 -0.07 12.79
CA GLY A 212 -15.05 1.36 12.94
C GLY A 212 -14.91 2.09 11.61
N SER A 213 -14.46 1.37 10.59
CA SER A 213 -14.29 1.95 9.26
C SER A 213 -15.48 1.74 8.33
N HIS A 214 -16.37 0.81 8.68
CA HIS A 214 -17.50 0.39 7.84
CA HIS A 214 -17.39 0.39 7.73
C HIS A 214 -18.23 1.53 7.12
N SER A 215 -18.48 2.59 7.88
CA SER A 215 -19.29 3.69 7.34
C SER A 215 -18.46 4.92 6.97
N LEU A 216 -17.14 4.76 6.90
CA LEU A 216 -16.28 5.88 6.53
C LEU A 216 -15.87 5.81 5.06
N PHE A 217 -16.41 4.83 4.34
CA PHE A 217 -16.13 4.70 2.91
C PHE A 217 -17.16 3.85 2.17
N THR A 218 -17.11 3.89 0.84
CA THR A 218 -18.10 3.22 0.01
C THR A 218 -17.56 1.95 -0.63
N ARG A 219 -16.43 2.05 -1.31
CA ARG A 219 -15.79 0.85 -1.87
C ARG A 219 -14.27 0.94 -1.93
N ALA A 220 -13.63 -0.06 -2.53
CA ALA A 220 -12.23 -0.30 -2.24
C ALA A 220 -11.43 -0.85 -3.41
N ILE A 221 -10.22 -0.33 -3.55
CA ILE A 221 -9.28 -0.74 -4.58
C ILE A 221 -7.98 -1.21 -3.93
N LEU A 222 -7.54 -2.40 -4.29
CA LEU A 222 -6.37 -3.01 -3.66
C LEU A 222 -5.30 -3.35 -4.70
N GLN A 223 -4.25 -2.54 -4.76
CA GLN A 223 -3.18 -2.74 -5.73
C GLN A 223 -1.99 -3.43 -5.08
N SER A 224 -1.64 -4.62 -5.57
CA SER A 224 -0.48 -5.38 -5.10
C SER A 224 -0.44 -5.59 -3.59
N GLY A 225 -1.55 -6.00 -2.98
CA GLY A 225 -1.55 -6.21 -1.54
C GLY A 225 -2.90 -6.58 -0.95
N SER A 226 -2.85 -7.21 0.21
CA SER A 226 -4.04 -7.59 0.98
C SER A 226 -3.55 -8.10 2.35
N PHE A 227 -4.42 -8.10 3.36
CA PHE A 227 -3.98 -8.45 4.72
C PHE A 227 -3.46 -9.87 4.83
N ASN A 228 -3.90 -10.75 3.95
CA ASN A 228 -3.55 -12.16 4.05
C ASN A 228 -2.23 -12.49 3.37
N ALA A 229 -1.53 -11.45 2.88
CA ALA A 229 -0.16 -11.62 2.41
C ALA A 229 0.68 -11.98 3.62
N PRO A 230 1.72 -12.82 3.42
CA PRO A 230 2.46 -13.30 4.59
C PRO A 230 3.22 -12.21 5.35
N TRP A 231 3.45 -11.05 4.73
CA TRP A 231 4.19 -9.97 5.38
C TRP A 231 3.27 -8.99 6.09
N ALA A 232 1.95 -9.16 5.93
CA ALA A 232 1.02 -8.09 6.28
C ALA A 232 0.51 -8.04 7.71
N VAL A 233 0.41 -9.19 8.39
CA VAL A 233 -0.06 -9.18 9.76
C VAL A 233 0.95 -9.76 10.75
N THR A 234 1.20 -9.03 11.82
CA THR A 234 2.09 -9.50 12.88
C THR A 234 1.33 -10.31 13.92
N SER A 235 1.77 -11.54 14.15
CA SER A 235 1.18 -12.39 15.19
C SER A 235 1.38 -11.75 16.55
N LEU A 236 0.61 -12.20 17.55
CA LEU A 236 0.78 -11.65 18.89
C LEU A 236 2.08 -12.13 19.57
N TYR A 237 2.53 -13.33 19.24
CA TYR A 237 3.80 -13.86 19.73
C TYR A 237 4.94 -12.98 19.18
N GLU A 238 4.87 -12.67 17.89
CA GLU A 238 5.84 -11.78 17.26
C GLU A 238 5.77 -10.37 17.84
N ALA A 239 4.55 -9.84 17.96
CA ALA A 239 4.34 -8.47 18.44
C ALA A 239 5.01 -8.24 19.80
N ARG A 240 4.66 -9.08 20.77
CA ARG A 240 5.28 -8.96 22.09
C ARG A 240 6.79 -9.24 22.11
N ASN A 241 7.26 -10.28 21.41
CA ASN A 241 8.71 -10.53 21.32
C ASN A 241 9.44 -9.32 20.76
N ARG A 242 8.86 -8.73 19.72
CA ARG A 242 9.47 -7.57 19.08
C ARG A 242 9.44 -6.32 19.95
N THR A 243 8.37 -6.15 20.72
CA THR A 243 8.29 -5.02 21.63
C THR A 243 9.31 -5.15 22.76
N LEU A 244 9.37 -6.33 23.36
CA LEU A 244 10.32 -6.57 24.44
C LEU A 244 11.77 -6.46 23.96
N ASN A 245 12.03 -6.83 22.71
CA ASN A 245 13.37 -6.68 22.14
C ASN A 245 13.78 -5.23 21.92
N LEU A 246 12.85 -4.43 21.38
CA LEU A 246 13.08 -2.99 21.25
C LEU A 246 13.39 -2.43 22.63
N ALA A 247 12.61 -2.92 23.61
CA ALA A 247 12.77 -2.51 25.00
C ALA A 247 14.15 -2.84 25.57
N LYS A 248 14.69 -4.03 25.29
CA LYS A 248 16.03 -4.29 25.81
C LYS A 248 17.08 -3.49 25.05
N LEU A 249 16.95 -3.43 23.72
CA LEU A 249 17.91 -2.72 22.89
C LEU A 249 18.08 -1.26 23.29
N THR A 250 17.01 -0.67 23.78
CA THR A 250 17.00 0.75 24.10
C THR A 250 17.27 1.00 25.58
N GLY A 251 17.36 -0.06 26.36
CA GLY A 251 17.59 0.05 27.79
C GLY A 251 16.30 0.41 28.50
N CYS A 252 15.22 -0.22 28.07
CA CYS A 252 13.87 0.11 28.55
C CYS A 252 13.15 -1.09 29.14
N SER A 253 13.87 -2.19 29.33
CA SER A 253 13.30 -3.36 29.95
C SER A 253 12.86 -3.04 31.37
N ARG A 254 11.55 -3.11 31.60
CA ARG A 254 11.03 -2.93 32.94
C ARG A 254 9.99 -4.02 33.18
N GLU A 255 9.55 -4.12 34.42
CA GLU A 255 8.72 -5.22 34.92
C GLU A 255 7.26 -4.99 34.60
N ASN A 256 6.80 -3.78 34.91
CA ASN A 256 5.43 -3.33 34.67
C ASN A 256 5.35 -2.82 33.24
N GLU A 257 4.83 -3.62 32.31
CA GLU A 257 4.78 -3.27 30.89
C GLU A 257 4.45 -1.81 30.59
N THR A 258 3.61 -1.24 31.44
CA THR A 258 3.27 0.17 31.32
C THR A 258 4.53 1.02 31.55
N GLU A 259 5.46 0.52 32.37
CA GLU A 259 6.72 1.21 32.64
C GLU A 259 7.70 1.12 31.46
N ILE A 260 7.59 0.05 30.67
CA ILE A 260 8.40 -0.04 29.45
C ILE A 260 8.08 1.13 28.54
N ILE A 261 6.78 1.33 28.30
CA ILE A 261 6.31 2.35 27.37
C ILE A 261 6.73 3.78 27.75
N LYS A 262 6.66 4.11 29.03
CA LYS A 262 7.09 5.45 29.44
C LYS A 262 8.60 5.60 29.22
N CYS A 263 9.34 4.52 29.45
CA CYS A 263 10.78 4.53 29.17
C CYS A 263 11.00 4.77 27.67
N LEU A 264 10.20 4.10 26.85
CA LEU A 264 10.29 4.28 25.40
C LEU A 264 9.76 5.64 24.96
N ARG A 265 8.81 6.17 25.73
CA ARG A 265 8.26 7.50 25.47
C ARG A 265 9.29 8.60 25.65
N ASN A 266 10.38 8.28 26.33
CA ASN A 266 11.39 9.29 26.66
C ASN A 266 12.65 9.22 25.81
N LYS A 267 12.71 8.24 24.90
CA LYS A 267 13.81 8.14 23.96
C LYS A 267 13.65 9.10 22.79
N ASP A 268 14.75 9.39 22.10
CA ASP A 268 14.69 10.08 20.82
C ASP A 268 14.03 9.15 19.82
N PRO A 269 13.29 9.71 18.87
CA PRO A 269 12.73 8.95 17.75
C PRO A 269 13.83 8.15 17.07
N GLN A 270 14.99 8.79 16.92
CA GLN A 270 16.14 8.17 16.26
C GLN A 270 16.60 6.89 16.95
N GLU A 271 16.57 6.88 18.27
CA GLU A 271 17.01 5.74 19.06
C GLU A 271 16.11 4.55 18.81
N ILE A 272 14.81 4.84 18.76
CA ILE A 272 13.79 3.86 18.43
C ILE A 272 14.02 3.36 17.01
N LEU A 273 14.14 4.31 16.07
CA LEU A 273 14.31 4.00 14.66
C LEU A 273 15.53 3.14 14.40
N LEU A 274 16.67 3.58 14.95
CA LEU A 274 17.92 2.86 14.78
C LEU A 274 17.81 1.42 15.27
N ASN A 275 17.00 1.22 16.30
CA ASN A 275 16.89 -0.07 16.94
C ASN A 275 15.80 -1.02 16.41
N GLU A 276 14.82 -0.49 15.68
CA GLU A 276 13.72 -1.37 15.21
C GLU A 276 14.17 -2.38 14.15
N ALA A 277 15.29 -2.12 13.50
CA ALA A 277 15.83 -3.07 12.51
C ALA A 277 16.19 -4.41 13.14
N PHE A 278 16.65 -4.37 14.39
CA PHE A 278 17.19 -5.57 15.03
C PHE A 278 16.21 -6.32 15.95
N VAL A 279 14.94 -5.96 15.97
CA VAL A 279 14.03 -6.70 16.84
C VAL A 279 13.73 -8.08 16.25
N VAL A 280 14.12 -8.27 15.00
CA VAL A 280 14.00 -9.56 14.32
C VAL A 280 15.40 -10.17 14.10
N PRO A 281 15.61 -11.40 14.59
CA PRO A 281 16.93 -12.06 14.56
C PRO A 281 17.38 -12.38 13.13
N TYR A 282 16.44 -12.76 12.28
CA TYR A 282 16.75 -13.04 10.88
C TYR A 282 15.63 -12.60 9.90
N GLY A 283 15.60 -11.31 9.57
CA GLY A 283 14.56 -10.79 8.72
C GLY A 283 14.67 -11.21 7.26
N THR A 284 13.73 -10.74 6.44
CA THR A 284 13.82 -10.88 4.99
C THR A 284 13.80 -9.51 4.35
N PRO A 285 14.13 -9.42 3.06
CA PRO A 285 13.91 -8.15 2.35
C PRO A 285 12.48 -7.64 2.48
N LEU A 286 11.53 -8.54 2.70
CA LEU A 286 10.13 -8.16 2.75
C LEU A 286 9.64 -8.03 4.20
N SER A 287 10.58 -7.92 5.13
CA SER A 287 10.24 -7.93 6.54
C SER A 287 9.52 -6.69 7.03
N VAL A 288 8.51 -6.94 7.85
CA VAL A 288 7.68 -5.92 8.43
C VAL A 288 7.79 -6.12 9.93
N ASN A 289 8.72 -5.39 10.54
CA ASN A 289 9.05 -5.57 11.94
C ASN A 289 7.91 -5.19 12.87
N PHE A 290 7.18 -4.14 12.49
CA PHE A 290 6.09 -3.62 13.28
C PHE A 290 4.90 -3.35 12.38
N GLY A 291 3.97 -4.29 12.33
CA GLY A 291 2.80 -4.14 11.50
C GLY A 291 1.52 -4.33 12.28
N PRO A 292 0.42 -4.46 11.55
CA PRO A 292 -0.92 -4.72 12.08
C PRO A 292 -0.94 -5.91 13.02
N THR A 293 -1.70 -5.79 14.10
CA THR A 293 -1.91 -6.91 15.01
C THR A 293 -3.40 -7.02 15.28
N VAL A 294 -3.81 -8.17 15.80
CA VAL A 294 -5.15 -8.33 16.31
C VAL A 294 -5.17 -7.64 17.67
N ASP A 295 -5.67 -6.41 17.70
CA ASP A 295 -5.63 -5.58 18.89
C ASP A 295 -6.91 -5.64 19.73
N GLY A 296 -7.96 -6.25 19.17
CA GLY A 296 -9.25 -6.29 19.84
C GLY A 296 -9.99 -4.97 19.75
N ASP A 297 -9.53 -4.09 18.87
CA ASP A 297 -10.13 -2.76 18.70
C ASP A 297 -10.35 -2.47 17.22
N PHE A 298 -9.27 -2.20 16.49
CA PHE A 298 -9.39 -2.03 15.06
C PHE A 298 -9.77 -3.37 14.46
N LEU A 299 -9.12 -4.41 14.97
CA LEU A 299 -9.32 -5.78 14.54
C LEU A 299 -9.86 -6.61 15.68
N THR A 300 -11.08 -7.11 15.53
CA THR A 300 -11.78 -7.81 16.60
C THR A 300 -11.35 -9.27 16.71
N ASP A 301 -10.74 -9.78 15.66
CA ASP A 301 -10.35 -11.18 15.61
C ASP A 301 -9.31 -11.35 14.52
N MET A 302 -8.71 -12.52 14.43
CA MET A 302 -7.73 -12.79 13.38
C MET A 302 -8.43 -12.61 12.04
N PRO A 303 -7.85 -11.77 11.17
CA PRO A 303 -8.55 -11.41 9.93
C PRO A 303 -8.80 -12.58 8.98
N ASP A 304 -7.99 -13.64 9.03
CA ASP A 304 -8.24 -14.81 8.20
C ASP A 304 -9.59 -15.44 8.55
N ILE A 305 -9.88 -15.48 9.83
CA ILE A 305 -11.16 -15.99 10.33
C ILE A 305 -12.30 -15.10 9.82
N LEU A 306 -12.14 -13.80 9.99
CA LEU A 306 -13.15 -12.83 9.55
C LEU A 306 -13.46 -12.95 8.07
N LEU A 307 -12.41 -12.96 7.26
CA LEU A 307 -12.58 -13.06 5.81
C LEU A 307 -13.33 -14.34 5.44
N GLU A 308 -12.95 -15.44 6.06
CA GLU A 308 -13.49 -16.75 5.76
C GLU A 308 -14.96 -16.92 6.18
N LEU A 309 -15.36 -16.23 7.24
CA LEU A 309 -16.75 -16.34 7.71
C LEU A 309 -17.59 -15.14 7.26
N GLY A 310 -17.06 -14.37 6.32
CA GLY A 310 -17.81 -13.30 5.69
C GLY A 310 -18.13 -12.11 6.58
N GLN A 311 -17.27 -11.85 7.55
CA GLN A 311 -17.43 -10.71 8.43
C GLN A 311 -16.65 -9.52 7.92
N PHE A 312 -17.24 -8.78 6.99
CA PHE A 312 -16.60 -7.60 6.43
C PHE A 312 -17.60 -6.77 5.66
N LYS A 313 -17.22 -5.52 5.39
CA LYS A 313 -18.05 -4.59 4.64
C LYS A 313 -18.47 -5.20 3.30
N LYS A 314 -19.78 -5.25 3.06
CA LYS A 314 -20.29 -5.76 1.80
C LYS A 314 -20.34 -4.63 0.78
N THR A 315 -19.48 -4.70 -0.22
CA THR A 315 -19.37 -3.66 -1.23
C THR A 315 -18.55 -4.23 -2.37
N GLN A 316 -18.29 -3.42 -3.40
CA GLN A 316 -17.49 -3.89 -4.53
C GLN A 316 -16.00 -3.69 -4.24
N ILE A 317 -15.16 -4.50 -4.89
CA ILE A 317 -13.72 -4.29 -4.82
C ILE A 317 -13.05 -4.42 -6.17
N LEU A 318 -11.97 -3.69 -6.32
CA LEU A 318 -11.12 -3.79 -7.48
C LEU A 318 -9.76 -4.21 -6.94
N VAL A 319 -9.25 -5.34 -7.42
CA VAL A 319 -8.01 -5.91 -6.91
C VAL A 319 -7.09 -6.24 -8.07
N GLY A 320 -5.79 -6.11 -7.88
CA GLY A 320 -4.88 -6.56 -8.92
C GLY A 320 -3.44 -6.59 -8.51
N VAL A 321 -2.62 -7.07 -9.43
CA VAL A 321 -1.19 -7.23 -9.18
C VAL A 321 -0.44 -6.98 -10.46
N ASN A 322 0.88 -6.86 -10.32
CA ASN A 322 1.75 -6.66 -11.46
C ASN A 322 2.46 -7.95 -11.84
N LYS A 323 2.88 -8.03 -13.10
CA LYS A 323 3.52 -9.22 -13.65
C LYS A 323 4.79 -9.66 -12.90
N ASP A 324 5.64 -8.72 -12.51
CA ASP A 324 6.90 -9.08 -11.85
C ASP A 324 7.04 -8.48 -10.45
N GLU A 325 6.06 -8.77 -9.59
CA GLU A 325 6.03 -8.26 -8.22
C GLU A 325 7.31 -8.53 -7.45
N GLY A 326 7.88 -9.71 -7.65
CA GLY A 326 8.95 -10.18 -6.80
C GLY A 326 10.33 -9.61 -7.07
N THR A 327 10.57 -9.16 -8.30
CA THR A 327 11.93 -8.86 -8.75
C THR A 327 12.65 -7.75 -7.96
N ALA A 328 11.91 -6.73 -7.54
CA ALA A 328 12.47 -5.60 -6.81
C ALA A 328 13.23 -6.03 -5.56
N PHE A 329 12.69 -7.04 -4.88
CA PHE A 329 13.22 -7.48 -3.60
C PHE A 329 14.50 -8.27 -3.74
N LEU A 330 14.71 -8.85 -4.93
CA LEU A 330 15.86 -9.71 -5.16
C LEU A 330 17.21 -8.99 -5.06
N VAL A 331 17.23 -7.69 -5.39
CA VAL A 331 18.48 -6.94 -5.27
C VAL A 331 18.67 -6.37 -3.88
N TYR A 332 17.81 -6.76 -2.95
CA TYR A 332 17.94 -6.33 -1.56
C TYR A 332 18.33 -7.47 -0.63
N GLY A 333 19.10 -8.42 -1.15
CA GLY A 333 19.66 -9.45 -0.28
C GLY A 333 19.91 -10.81 -0.91
N ALA A 334 19.28 -11.11 -2.03
CA ALA A 334 19.52 -12.40 -2.68
C ALA A 334 20.89 -12.42 -3.34
N PRO A 335 21.67 -13.47 -3.08
CA PRO A 335 23.04 -13.56 -3.61
C PRO A 335 23.07 -13.60 -5.14
N GLY A 336 24.05 -12.93 -5.74
CA GLY A 336 24.21 -12.95 -7.18
C GLY A 336 23.33 -12.00 -7.94
N PHE A 337 22.47 -11.27 -7.23
CA PHE A 337 21.60 -10.29 -7.89
C PHE A 337 22.18 -8.88 -7.85
N SER A 338 21.91 -8.13 -8.92
CA SER A 338 22.41 -6.76 -9.06
C SER A 338 21.50 -5.97 -10.00
N LYS A 339 21.33 -4.69 -9.73
CA LYS A 339 20.55 -3.85 -10.62
C LYS A 339 21.44 -3.37 -11.76
N ASP A 340 22.73 -3.65 -11.64
CA ASP A 340 23.72 -3.17 -12.59
C ASP A 340 24.27 -4.29 -13.49
N ASN A 341 23.77 -5.51 -13.32
CA ASN A 341 24.00 -6.57 -14.29
C ASN A 341 22.76 -7.47 -14.49
N ASN A 342 22.86 -8.45 -15.38
CA ASN A 342 21.66 -9.21 -15.75
C ASN A 342 21.29 -10.34 -14.79
N SER A 343 22.03 -10.46 -13.69
CA SER A 343 21.66 -11.31 -12.55
C SER A 343 21.36 -12.77 -12.93
N ILE A 344 22.07 -13.27 -13.93
CA ILE A 344 22.03 -14.69 -14.24
C ILE A 344 22.59 -15.44 -13.04
N ILE A 345 21.75 -16.21 -12.38
CA ILE A 345 22.19 -16.96 -11.21
C ILE A 345 22.10 -18.45 -11.46
N THR A 346 22.88 -19.22 -10.71
CA THR A 346 22.91 -20.66 -10.86
C THR A 346 21.91 -21.32 -9.93
N ARG A 347 21.86 -22.64 -10.00
CA ARG A 347 20.96 -23.42 -9.14
C ARG A 347 21.27 -23.21 -7.66
N LYS A 348 22.55 -23.25 -7.31
CA LYS A 348 22.95 -23.07 -5.92
C LYS A 348 22.61 -21.68 -5.38
N GLU A 349 22.69 -20.67 -6.24
CA GLU A 349 22.34 -19.31 -5.83
C GLU A 349 20.82 -19.16 -5.67
N PHE A 350 20.08 -19.84 -6.52
CA PHE A 350 18.64 -19.95 -6.36
C PHE A 350 18.32 -20.53 -4.98
N GLN A 351 18.97 -21.64 -4.62
CA GLN A 351 18.74 -22.26 -3.33
C GLN A 351 19.12 -21.35 -2.15
N GLU A 352 20.21 -20.60 -2.29
CA GLU A 352 20.62 -19.67 -1.25
C GLU A 352 19.64 -18.51 -1.14
N GLY A 353 19.06 -18.12 -2.27
CA GLY A 353 18.05 -17.09 -2.29
C GLY A 353 16.79 -17.51 -1.55
N LEU A 354 16.44 -18.79 -1.66
CA LEU A 354 15.29 -19.31 -0.94
C LEU A 354 15.51 -19.21 0.56
N LYS A 355 16.69 -19.61 1.02
CA LYS A 355 17.02 -19.51 2.44
C LYS A 355 16.84 -18.07 2.90
N ILE A 356 17.25 -17.12 2.05
CA ILE A 356 17.06 -15.69 2.32
C ILE A 356 15.58 -15.31 2.43
N PHE A 357 14.74 -15.83 1.53
CA PHE A 357 13.34 -15.42 1.53
C PHE A 357 12.41 -16.27 2.40
N PHE A 358 12.87 -17.47 2.74
CA PHE A 358 12.08 -18.35 3.61
C PHE A 358 12.95 -18.84 4.76
N PRO A 359 13.35 -17.92 5.65
CA PRO A 359 14.37 -18.20 6.66
C PRO A 359 14.04 -19.33 7.63
N GLY A 360 12.77 -19.46 8.02
CA GLY A 360 12.41 -20.49 9.00
C GLY A 360 11.86 -21.78 8.43
N VAL A 361 12.10 -22.04 7.16
CA VAL A 361 11.46 -23.15 6.45
C VAL A 361 12.37 -24.38 6.32
N SER A 362 11.79 -25.57 6.41
CA SER A 362 12.54 -26.83 6.35
C SER A 362 13.22 -27.03 5.00
N GLU A 363 14.14 -27.99 4.94
CA GLU A 363 14.82 -28.30 3.67
C GLU A 363 13.80 -28.85 2.71
N PHE A 364 12.87 -29.65 3.22
CA PHE A 364 11.81 -30.23 2.40
C PHE A 364 10.87 -29.15 1.88
N GLY A 365 10.59 -28.15 2.71
CA GLY A 365 9.80 -27.03 2.28
C GLY A 365 10.47 -26.29 1.13
N LYS A 366 11.76 -26.03 1.29
CA LYS A 366 12.49 -25.29 0.26
C LYS A 366 12.74 -26.13 -0.98
N GLU A 367 12.78 -27.45 -0.80
CA GLU A 367 12.91 -28.35 -1.94
C GLU A 367 11.63 -28.40 -2.76
N SER A 368 10.48 -28.28 -2.10
CA SER A 368 9.18 -28.26 -2.77
C SER A 368 9.03 -27.02 -3.63
N ILE A 369 9.50 -25.88 -3.13
CA ILE A 369 9.49 -24.65 -3.89
C ILE A 369 10.37 -24.84 -5.12
N LEU A 370 11.59 -25.31 -4.89
CA LEU A 370 12.53 -25.64 -5.96
C LEU A 370 11.83 -26.50 -7.00
N PHE A 371 11.22 -27.59 -6.55
CA PHE A 371 10.59 -28.55 -7.44
C PHE A 371 9.44 -27.96 -8.26
N HIS A 372 8.57 -27.20 -7.60
CA HIS A 372 7.42 -26.61 -8.25
CA HIS A 372 7.43 -26.67 -8.31
C HIS A 372 7.80 -25.54 -9.27
N TYR A 373 8.93 -24.88 -9.04
CA TYR A 373 9.32 -23.76 -9.90
C TYR A 373 10.45 -24.00 -10.89
N THR A 374 10.88 -25.25 -11.05
CA THR A 374 11.95 -25.52 -12.00
C THR A 374 11.54 -26.51 -13.07
N ASP A 375 10.25 -26.53 -13.39
CA ASP A 375 9.78 -27.38 -14.47
C ASP A 375 9.98 -26.62 -15.78
N TRP A 376 11.24 -26.53 -16.21
CA TRP A 376 11.64 -25.69 -17.31
C TRP A 376 10.75 -25.81 -18.54
N VAL A 377 10.68 -24.73 -19.30
CA VAL A 377 9.49 -24.43 -20.07
C VAL A 377 9.66 -24.38 -21.63
N ASP A 378 10.09 -25.47 -22.29
CA ASP A 378 10.78 -26.62 -21.73
C ASP A 378 12.25 -26.39 -22.07
N ASP A 379 12.70 -25.17 -21.80
CA ASP A 379 14.00 -24.77 -22.32
C ASP A 379 15.08 -24.82 -21.25
N GLN A 380 16.34 -24.76 -21.70
CA GLN A 380 17.42 -24.49 -20.77
C GLN A 380 18.09 -23.16 -21.10
N ARG A 381 17.35 -22.11 -20.77
CA ARG A 381 17.79 -20.73 -20.87
C ARG A 381 18.59 -20.39 -19.62
N PRO A 382 19.63 -19.56 -19.77
CA PRO A 382 20.45 -19.21 -18.62
C PRO A 382 19.71 -18.43 -17.53
N GLU A 383 18.66 -17.71 -17.90
CA GLU A 383 17.92 -16.95 -16.90
C GLU A 383 16.82 -17.74 -16.21
N GLN A 384 16.82 -19.08 -16.38
CA GLN A 384 15.81 -19.91 -15.72
C GLN A 384 15.72 -19.60 -14.24
N TYR A 385 16.81 -19.79 -13.52
CA TYR A 385 16.79 -19.63 -12.07
C TYR A 385 16.55 -18.19 -11.63
N ARG A 386 17.05 -17.22 -12.40
CA ARG A 386 16.82 -15.82 -12.07
C ARG A 386 15.33 -15.49 -12.09
N GLU A 387 14.62 -16.04 -13.06
CA GLU A 387 13.22 -15.69 -13.25
C GLU A 387 12.34 -16.49 -12.31
N ALA A 388 12.74 -17.73 -12.04
CA ALA A 388 12.04 -18.58 -11.09
C ALA A 388 12.02 -17.94 -9.70
N LEU A 389 13.14 -17.38 -9.26
CA LEU A 389 13.21 -16.79 -7.93
C LEU A 389 12.31 -15.56 -7.79
N GLY A 390 12.26 -14.73 -8.83
CA GLY A 390 11.38 -13.57 -8.84
C GLY A 390 9.94 -14.01 -8.76
N ASP A 391 9.61 -15.02 -9.56
CA ASP A 391 8.27 -15.58 -9.54
C ASP A 391 7.92 -16.18 -8.18
N VAL A 392 8.89 -16.86 -7.57
CA VAL A 392 8.69 -17.41 -6.23
C VAL A 392 8.29 -16.30 -5.25
N VAL A 393 9.11 -15.25 -5.22
CA VAL A 393 8.89 -14.12 -4.31
C VAL A 393 7.60 -13.34 -4.61
N GLY A 394 7.26 -13.21 -5.90
CA GLY A 394 6.05 -12.51 -6.29
C GLY A 394 4.77 -13.27 -6.03
N ASP A 395 4.75 -14.56 -6.36
CA ASP A 395 3.56 -15.38 -6.17
C ASP A 395 3.23 -15.53 -4.69
N TYR A 396 4.24 -15.87 -3.91
CA TYR A 396 4.08 -16.08 -2.47
C TYR A 396 3.67 -14.83 -1.72
N ASN A 397 4.28 -13.69 -2.06
CA ASN A 397 4.12 -12.49 -1.26
C ASN A 397 3.00 -11.55 -1.69
N PHE A 398 2.59 -11.63 -2.95
CA PHE A 398 1.64 -10.65 -3.49
C PHE A 398 0.50 -11.26 -4.28
N ILE A 399 0.83 -12.01 -5.34
CA ILE A 399 -0.17 -12.48 -6.28
C ILE A 399 -1.14 -13.50 -5.69
N CYS A 400 -0.60 -14.60 -5.18
CA CYS A 400 -1.45 -15.64 -4.63
C CYS A 400 -2.33 -15.17 -3.47
N PRO A 401 -1.76 -14.42 -2.50
CA PRO A 401 -2.65 -13.82 -1.49
C PRO A 401 -3.70 -12.87 -2.08
N ALA A 402 -3.38 -12.13 -3.14
CA ALA A 402 -4.35 -11.23 -3.77
C ALA A 402 -5.51 -12.00 -4.37
N LEU A 403 -5.19 -13.07 -5.09
CA LEU A 403 -6.19 -13.90 -5.71
C LEU A 403 -7.07 -14.54 -4.65
N GLU A 404 -6.44 -15.02 -3.58
CA GLU A 404 -7.16 -15.70 -2.53
C GLU A 404 -8.13 -14.77 -1.82
N PHE A 405 -7.69 -13.55 -1.55
CA PHE A 405 -8.55 -12.55 -0.94
C PHE A 405 -9.78 -12.27 -1.80
N THR A 406 -9.56 -12.10 -3.10
CA THR A 406 -10.63 -11.76 -4.03
C THR A 406 -11.64 -12.90 -4.12
N LYS A 407 -11.11 -14.10 -4.15
CA LYS A 407 -11.87 -15.33 -4.20
C LYS A 407 -12.79 -15.46 -2.99
N LYS A 408 -12.22 -15.24 -1.80
CA LYS A 408 -13.01 -15.37 -0.58
C LYS A 408 -13.97 -14.19 -0.40
N PHE A 409 -13.57 -13.01 -0.86
CA PHE A 409 -14.42 -11.84 -0.74
C PHE A 409 -15.66 -11.97 -1.65
N SER A 410 -15.46 -12.44 -2.87
CA SER A 410 -16.53 -12.50 -3.84
C SER A 410 -17.52 -13.63 -3.51
N GLU A 411 -17.06 -14.59 -2.72
CA GLU A 411 -17.87 -15.73 -2.31
C GLU A 411 -19.08 -15.30 -1.49
N TRP A 412 -19.08 -14.07 -1.02
CA TRP A 412 -20.17 -13.59 -0.19
C TRP A 412 -21.06 -12.65 -0.98
N GLY A 413 -20.93 -12.72 -2.30
CA GLY A 413 -21.92 -12.15 -3.19
C GLY A 413 -21.75 -10.69 -3.59
N ASN A 414 -20.54 -10.17 -3.47
CA ASN A 414 -20.32 -8.82 -3.99
C ASN A 414 -19.44 -8.85 -5.23
N ASN A 415 -19.69 -7.92 -6.14
CA ASN A 415 -18.87 -7.81 -7.33
C ASN A 415 -17.40 -7.55 -6.99
N ALA A 416 -16.52 -8.28 -7.67
CA ALA A 416 -15.10 -8.10 -7.54
C ALA A 416 -14.50 -8.05 -8.93
N PHE A 417 -13.46 -7.24 -9.10
CA PHE A 417 -12.80 -7.10 -10.38
C PHE A 417 -11.30 -7.26 -10.16
N PHE A 418 -10.69 -8.10 -10.99
CA PHE A 418 -9.29 -8.41 -10.82
C PHE A 418 -8.49 -8.05 -12.06
N TYR A 419 -7.33 -7.41 -11.86
CA TYR A 419 -6.48 -7.02 -12.98
C TYR A 419 -5.08 -7.61 -12.90
N TYR A 420 -4.48 -7.80 -14.06
CA TYR A 420 -3.08 -8.20 -14.16
C TYR A 420 -2.35 -7.15 -14.98
N PHE A 421 -1.63 -6.27 -14.29
CA PHE A 421 -0.91 -5.18 -14.94
C PHE A 421 0.43 -5.69 -15.48
N GLU A 422 0.61 -5.63 -16.79
CA GLU A 422 1.82 -6.18 -17.40
C GLU A 422 2.51 -5.23 -18.38
N HIS A 423 2.37 -3.93 -18.17
CA HIS A 423 3.15 -2.99 -18.96
C HIS A 423 4.34 -2.43 -18.17
N ARG A 424 5.50 -2.46 -18.80
CA ARG A 424 6.70 -1.91 -18.18
C ARG A 424 6.96 -0.49 -18.66
N SER A 425 7.00 0.44 -17.72
CA SER A 425 7.27 1.84 -17.99
C SER A 425 8.52 2.02 -18.86
N SER A 426 8.38 2.80 -19.92
CA SER A 426 9.48 3.05 -20.85
C SER A 426 10.55 3.90 -20.17
N LYS A 427 10.21 4.46 -19.02
CA LYS A 427 11.11 5.35 -18.30
C LYS A 427 11.65 4.70 -17.02
N LEU A 428 11.33 3.42 -16.82
CA LEU A 428 11.76 2.67 -15.64
C LEU A 428 13.28 2.71 -15.48
N PRO A 429 13.78 3.21 -14.34
CA PRO A 429 15.24 3.35 -14.21
C PRO A 429 15.91 2.04 -13.83
N TRP A 430 15.11 1.03 -13.50
CA TRP A 430 15.62 -0.29 -13.14
C TRP A 430 15.88 -1.11 -14.40
N PRO A 431 16.83 -2.06 -14.34
CA PRO A 431 17.18 -2.86 -15.52
C PRO A 431 16.03 -3.68 -16.08
N GLU A 432 16.20 -4.10 -17.34
CA GLU A 432 15.20 -4.81 -18.09
C GLU A 432 14.76 -6.14 -17.47
N TRP A 433 15.69 -6.83 -16.81
CA TRP A 433 15.38 -8.15 -16.26
C TRP A 433 14.31 -8.12 -15.15
N MET A 434 14.15 -6.96 -14.53
CA MET A 434 13.23 -6.83 -13.41
C MET A 434 11.78 -6.70 -13.89
N GLY A 435 11.60 -6.41 -15.18
CA GLY A 435 10.30 -6.47 -15.81
C GLY A 435 9.30 -5.45 -15.31
N VAL A 436 8.06 -5.91 -15.15
CA VAL A 436 6.97 -5.05 -14.71
C VAL A 436 6.94 -5.08 -13.18
N MET A 437 7.63 -4.11 -12.58
CA MET A 437 7.95 -4.17 -11.17
C MET A 437 6.83 -3.77 -10.24
N HIS A 438 6.90 -4.35 -9.04
CA HIS A 438 6.14 -3.91 -7.88
C HIS A 438 6.22 -2.40 -7.76
N GLY A 439 5.06 -1.75 -7.65
CA GLY A 439 5.00 -0.32 -7.42
C GLY A 439 4.83 0.53 -8.68
N TYR A 440 5.05 -0.07 -9.85
CA TYR A 440 5.15 0.72 -11.06
C TYR A 440 3.92 0.73 -11.95
N GLU A 441 2.77 0.39 -11.37
CA GLU A 441 1.50 0.66 -12.00
C GLU A 441 0.97 1.98 -11.43
N ILE A 442 1.51 2.36 -10.27
CA ILE A 442 0.99 3.50 -9.52
C ILE A 442 0.97 4.78 -10.36
N GLU A 443 2.07 5.05 -11.04
CA GLU A 443 2.17 6.23 -11.89
C GLU A 443 1.16 6.23 -13.04
N PHE A 444 0.77 5.04 -13.48
CA PHE A 444 -0.30 4.94 -14.48
C PHE A 444 -1.65 5.26 -13.86
N VAL A 445 -1.90 4.74 -12.66
CA VAL A 445 -3.13 5.03 -11.94
C VAL A 445 -3.30 6.53 -11.67
N PHE A 446 -2.23 7.20 -11.26
CA PHE A 446 -2.33 8.63 -10.94
C PHE A 446 -2.23 9.53 -12.18
N GLY A 447 -2.07 8.92 -13.35
CA GLY A 447 -2.09 9.63 -14.61
C GLY A 447 -0.89 10.49 -14.96
N LEU A 448 0.30 10.13 -14.45
CA LEU A 448 1.51 10.85 -14.83
C LEU A 448 1.82 10.79 -16.34
N PRO A 449 1.57 9.65 -17.01
CA PRO A 449 1.79 9.67 -18.46
C PRO A 449 0.85 10.62 -19.22
N LEU A 450 -0.19 11.12 -18.59
CA LEU A 450 -1.05 12.10 -19.25
C LEU A 450 -0.30 13.41 -19.51
N GLU A 451 0.79 13.65 -18.78
CA GLU A 451 1.62 14.82 -19.05
C GLU A 451 2.55 14.53 -20.21
N ARG A 452 2.23 15.12 -21.36
CA ARG A 452 2.97 14.91 -22.61
C ARG A 452 4.41 15.39 -22.50
N ARG A 453 4.66 16.34 -21.59
CA ARG A 453 5.98 16.92 -21.38
C ARG A 453 6.96 15.98 -20.67
N ASP A 454 6.66 14.69 -20.63
CA ASP A 454 7.34 13.82 -19.66
C ASP A 454 8.03 12.56 -20.19
N GLN A 455 8.14 12.41 -21.50
CA GLN A 455 8.86 11.30 -22.13
C GLN A 455 8.22 9.91 -21.96
N TYR A 456 6.94 9.88 -21.59
CA TYR A 456 6.20 8.64 -21.68
C TYR A 456 5.79 8.50 -23.13
N THR A 457 5.59 7.28 -23.61
CA THR A 457 5.16 7.08 -24.99
C THR A 457 3.70 7.44 -25.16
N LYS A 458 3.31 7.59 -26.42
CA LYS A 458 1.93 7.85 -26.79
C LYS A 458 1.03 6.72 -26.31
N ALA A 459 1.48 5.49 -26.51
CA ALA A 459 0.76 4.31 -26.06
C ALA A 459 0.57 4.33 -24.55
N GLU A 460 1.56 4.88 -23.85
CA GLU A 460 1.49 4.95 -22.39
C GLU A 460 0.45 5.97 -21.91
N GLU A 461 0.27 7.03 -22.69
CA GLU A 461 -0.79 8.00 -22.41
C GLU A 461 -2.16 7.36 -22.57
N ILE A 462 -2.33 6.59 -23.65
CA ILE A 462 -3.58 5.88 -23.90
C ILE A 462 -3.93 5.01 -22.71
N LEU A 463 -3.00 4.14 -22.34
CA LEU A 463 -3.20 3.18 -21.26
C LEU A 463 -3.48 3.86 -19.92
N SER A 464 -2.71 4.92 -19.61
CA SER A 464 -2.95 5.65 -18.38
C SER A 464 -4.32 6.29 -18.41
N ARG A 465 -4.66 6.89 -19.55
CA ARG A 465 -5.97 7.50 -19.73
C ARG A 465 -7.06 6.49 -19.49
N SER A 466 -6.88 5.30 -20.05
CA SER A 466 -7.85 4.22 -19.92
C SER A 466 -8.00 3.76 -18.48
N ILE A 467 -6.87 3.58 -17.80
CA ILE A 467 -6.87 3.10 -16.41
C ILE A 467 -7.48 4.15 -15.48
N VAL A 468 -7.06 5.39 -15.67
CA VAL A 468 -7.63 6.51 -14.94
C VAL A 468 -9.16 6.52 -15.07
N LYS A 469 -9.67 6.26 -16.27
CA LYS A 469 -11.12 6.19 -16.48
C LYS A 469 -11.76 5.00 -15.75
N ARG A 470 -11.13 3.83 -15.84
CA ARG A 470 -11.63 2.63 -15.15
C ARG A 470 -11.72 2.80 -13.63
N TRP A 471 -10.62 3.28 -13.05
CA TRP A 471 -10.57 3.53 -11.60
C TRP A 471 -11.63 4.55 -11.21
N ALA A 472 -11.77 5.59 -12.01
CA ALA A 472 -12.75 6.63 -11.73
C ALA A 472 -14.19 6.11 -11.85
N ASN A 473 -14.47 5.34 -12.89
CA ASN A 473 -15.80 4.75 -13.04
C ASN A 473 -16.09 3.77 -11.92
N PHE A 474 -15.05 3.08 -11.45
CA PHE A 474 -15.21 2.17 -10.34
C PHE A 474 -15.64 2.94 -9.10
N ALA A 475 -14.96 4.05 -8.85
CA ALA A 475 -15.26 4.83 -7.67
C ALA A 475 -16.67 5.39 -7.73
N LYS A 476 -17.01 5.99 -8.87
CA LYS A 476 -18.30 6.67 -9.03
C LYS A 476 -19.45 5.69 -9.09
N TYR A 477 -19.23 4.57 -9.78
CA TYR A 477 -20.34 3.68 -10.15
C TYR A 477 -20.15 2.23 -9.74
N GLY A 478 -18.98 1.91 -9.20
CA GLY A 478 -18.72 0.55 -8.72
C GLY A 478 -18.60 -0.44 -9.86
N ASN A 479 -18.09 0.04 -10.99
CA ASN A 479 -17.99 -0.76 -12.21
C ASN A 479 -16.90 -0.16 -13.11
N PRO A 480 -15.75 -0.82 -13.19
CA PRO A 480 -14.54 -0.23 -13.80
C PRO A 480 -14.47 -0.39 -15.32
N GLN A 481 -15.54 0.01 -16.00
CA GLN A 481 -15.53 -0.06 -17.46
C GLN A 481 -14.96 1.21 -18.06
N GLU A 482 -14.43 1.09 -19.27
CA GLU A 482 -14.16 2.25 -20.11
C GLU A 482 -15.18 2.07 -21.21
N THR A 483 -16.24 2.87 -21.17
CA THR A 483 -17.43 2.58 -21.99
C THR A 483 -17.39 3.17 -23.39
N GLN A 484 -16.44 4.06 -23.67
CA GLN A 484 -16.52 4.85 -24.89
C GLN A 484 -15.60 4.44 -26.04
N ASN A 485 -14.40 3.98 -25.73
CA ASN A 485 -13.40 3.70 -26.76
C ASN A 485 -13.18 2.21 -27.02
N ASN A 486 -14.27 1.51 -27.40
CA ASN A 486 -14.30 0.07 -27.66
C ASN A 486 -13.40 -0.82 -26.79
N SER A 487 -13.25 -0.46 -25.52
CA SER A 487 -12.40 -1.23 -24.63
C SER A 487 -12.93 -2.65 -24.47
N THR A 488 -12.04 -3.54 -24.06
CA THR A 488 -12.45 -4.86 -23.62
C THR A 488 -13.28 -4.64 -22.37
N SER A 489 -14.41 -5.32 -22.28
CA SER A 489 -15.26 -5.23 -21.08
C SER A 489 -14.65 -6.00 -19.91
N TRP A 490 -14.64 -5.39 -18.74
CA TRP A 490 -14.07 -6.01 -17.55
C TRP A 490 -15.14 -6.81 -16.78
N PRO A 491 -15.04 -8.14 -16.83
CA PRO A 491 -16.01 -9.07 -16.24
C PRO A 491 -15.79 -9.22 -14.74
N VAL A 492 -16.83 -9.52 -13.99
CA VAL A 492 -16.67 -9.73 -12.55
C VAL A 492 -15.88 -11.01 -12.30
N PHE A 493 -15.07 -10.97 -11.25
CA PHE A 493 -14.33 -12.14 -10.78
C PHE A 493 -15.24 -12.98 -9.89
N LYS A 494 -15.55 -14.19 -10.35
CA LYS A 494 -16.32 -15.15 -9.57
C LYS A 494 -15.41 -16.32 -9.27
N SER A 495 -15.61 -16.95 -8.11
CA SER A 495 -14.72 -18.03 -7.68
C SER A 495 -14.79 -19.22 -8.63
N THR A 496 -15.85 -19.31 -9.41
CA THR A 496 -15.95 -20.39 -10.38
C THR A 496 -14.93 -20.22 -11.50
N GLU A 497 -15.16 -19.24 -12.39
CA GLU A 497 -14.32 -19.07 -13.58
C GLU A 497 -13.08 -18.22 -13.32
N GLN A 498 -13.16 -17.33 -12.33
CA GLN A 498 -12.01 -16.52 -11.92
C GLN A 498 -11.41 -15.71 -13.05
N LYS A 499 -12.27 -14.97 -13.76
CA LYS A 499 -11.83 -14.13 -14.87
C LYS A 499 -11.12 -12.88 -14.39
N TYR A 500 -10.10 -12.46 -15.14
CA TYR A 500 -9.41 -11.22 -14.83
C TYR A 500 -9.06 -10.45 -16.11
N LEU A 501 -8.79 -9.16 -15.95
CA LEU A 501 -8.43 -8.32 -17.08
C LEU A 501 -6.94 -8.03 -17.07
N THR A 502 -6.29 -8.23 -18.21
CA THR A 502 -4.88 -7.84 -18.32
C THR A 502 -4.82 -6.40 -18.79
N LEU A 503 -3.96 -5.61 -18.14
CA LEU A 503 -3.74 -4.23 -18.55
C LEU A 503 -2.40 -4.13 -19.22
N ASN A 504 -2.42 -3.73 -20.48
CA ASN A 504 -1.20 -3.55 -21.24
C ASN A 504 -1.42 -2.59 -22.39
N THR A 505 -0.33 -2.27 -23.08
CA THR A 505 -0.35 -1.27 -24.11
C THR A 505 -0.87 -1.89 -25.40
N GLU A 506 -0.55 -3.17 -25.59
CA GLU A 506 -0.93 -3.86 -26.82
CA GLU A 506 -0.89 -3.89 -26.80
C GLU A 506 -2.22 -4.65 -26.65
N SER A 507 -2.11 -5.98 -26.60
CA SER A 507 -3.27 -6.87 -26.54
C SER A 507 -3.95 -6.99 -25.18
N THR A 508 -4.97 -6.15 -24.92
CA THR A 508 -5.74 -6.23 -23.68
C THR A 508 -6.78 -7.36 -23.73
N ARG A 509 -6.90 -8.13 -22.63
CA ARG A 509 -7.78 -9.29 -22.67
C ARG A 509 -8.27 -9.90 -21.35
N ILE A 510 -9.27 -10.75 -21.49
CA ILE A 510 -9.87 -11.49 -20.39
C ILE A 510 -9.25 -12.88 -20.32
N MET A 511 -8.73 -13.23 -19.16
CA MET A 511 -8.16 -14.56 -18.99
C MET A 511 -8.77 -15.15 -17.72
N THR A 512 -8.43 -16.39 -17.43
CA THR A 512 -8.98 -17.03 -16.26
C THR A 512 -7.90 -17.70 -15.43
N LYS A 513 -8.12 -17.72 -14.12
CA LYS A 513 -7.30 -18.48 -13.18
C LYS A 513 -5.82 -18.15 -13.23
N LEU A 514 -5.50 -16.88 -12.97
CA LEU A 514 -4.12 -16.41 -12.92
C LEU A 514 -3.25 -17.26 -11.98
N ARG A 515 -2.15 -17.80 -12.51
CA ARG A 515 -1.19 -18.57 -11.71
C ARG A 515 -1.82 -19.75 -10.99
N ALA A 516 -2.75 -20.43 -11.65
CA ALA A 516 -3.53 -21.49 -11.03
C ALA A 516 -2.68 -22.49 -10.24
N GLN A 517 -1.73 -23.13 -10.91
CA GLN A 517 -0.84 -24.11 -10.29
C GLN A 517 0.05 -23.54 -9.20
N GLN A 518 0.61 -22.37 -9.46
CA GLN A 518 1.48 -21.72 -8.50
C GLN A 518 0.70 -21.43 -7.23
N CYS A 519 -0.53 -20.97 -7.39
CA CYS A 519 -1.29 -20.56 -6.23
C CYS A 519 -1.89 -21.72 -5.43
N ARG A 520 -2.16 -22.86 -6.06
CA ARG A 520 -2.53 -24.01 -5.22
C ARG A 520 -1.32 -24.49 -4.44
N PHE A 521 -0.12 -24.34 -5.01
CA PHE A 521 1.06 -24.70 -4.24
C PHE A 521 1.14 -23.81 -3.00
N TRP A 522 1.12 -22.50 -3.18
CA TRP A 522 1.27 -21.56 -2.07
C TRP A 522 0.09 -21.52 -1.11
N THR A 523 -1.13 -21.57 -1.65
CA THR A 523 -2.30 -21.38 -0.81
C THR A 523 -2.74 -22.66 -0.10
N SER A 524 -2.63 -23.80 -0.78
CA SER A 524 -3.04 -25.08 -0.19
C SER A 524 -1.90 -25.93 0.37
N PHE A 525 -0.83 -26.10 -0.41
CA PHE A 525 0.22 -27.03 0.05
C PHE A 525 1.21 -26.40 1.01
N PHE A 526 1.83 -25.30 0.58
CA PHE A 526 2.89 -24.68 1.36
C PHE A 526 2.61 -24.42 2.86
N PRO A 527 1.38 -24.05 3.23
CA PRO A 527 1.12 -23.82 4.66
C PRO A 527 1.24 -25.06 5.56
N LYS A 528 1.22 -26.27 4.99
CA LYS A 528 1.31 -27.48 5.79
C LYS A 528 2.75 -27.84 6.07
N VAL A 529 3.65 -27.08 5.46
CA VAL A 529 5.03 -27.49 5.30
C VAL A 529 5.92 -27.01 6.45
C1 NAG B . 12.53 -13.18 20.18
C2 NAG B . 12.73 -14.48 19.40
C3 NAG B . 14.07 -15.19 19.67
C4 NAG B . 15.10 -14.15 20.09
C5 NAG B . 14.63 -13.45 21.37
C6 NAG B . 15.41 -12.15 21.55
C7 NAG B . 10.53 -15.39 18.91
C8 NAG B . 10.74 -15.07 17.45
N2 NAG B . 11.61 -15.36 19.69
O3 NAG B . 14.50 -15.81 18.47
O4 NAG B . 16.49 -14.52 20.17
O5 NAG B . 13.23 -13.19 21.40
O6 NAG B . 16.72 -12.28 20.99
O7 NAG B . 9.41 -15.64 19.32
C1 NAG B . 16.94 -15.75 20.82
C2 NAG B . 18.49 -15.70 20.79
C3 NAG B . 19.19 -15.45 22.13
C4 NAG B . 18.44 -15.94 23.36
C5 NAG B . 17.20 -16.74 22.99
C6 NAG B . 16.40 -17.05 24.25
C7 NAG B . 19.15 -16.99 18.82
C8 NAG B . 20.23 -17.90 18.28
N2 NAG B . 19.07 -16.87 20.15
O3 NAG B . 19.48 -14.08 22.29
O4 NAG B . 19.28 -16.75 24.16
O5 NAG B . 16.41 -15.96 22.12
O6 NAG B . 15.12 -17.53 23.90
O7 NAG B . 18.41 -16.39 18.04
C1 FUL B . 17.00 -11.13 20.17
C2 FUL B . 18.08 -11.43 19.16
O2 FUL B . 17.95 -12.70 18.54
C3 FUL B . 18.09 -10.32 18.11
O3 FUL B . 19.24 -10.43 17.27
C4 FUL B . 18.12 -8.89 18.75
O4 FUL B . 19.45 -8.36 18.78
C5 FUL B . 17.46 -8.77 20.17
C6 FUL B . 18.18 -7.81 21.09
O5 FUL B . 17.36 -10.02 20.91
C1 NAG C . 26.33 -9.37 -11.04
C2 NAG C . 27.43 -10.43 -11.10
C3 NAG C . 27.52 -11.19 -9.78
C4 NAG C . 27.72 -10.25 -8.61
C5 NAG C . 26.60 -9.20 -8.65
C6 NAG C . 26.51 -8.20 -7.49
C7 NAG C . 26.98 -11.24 -13.43
C8 NAG C . 27.90 -10.43 -14.30
N2 NAG C . 27.32 -11.42 -12.16
O3 NAG C . 28.59 -12.11 -9.83
O4 NAG C . 27.71 -11.00 -7.42
O5 NAG C . 26.56 -8.54 -9.91
O6 NAG C . 27.69 -7.68 -6.89
O7 NAG C . 25.96 -11.73 -13.90
C1 NAG C . 28.91 -10.77 -6.65
C2 NAG C . 28.58 -11.08 -5.19
C3 NAG C . 29.77 -11.05 -4.25
C4 NAG C . 30.99 -11.70 -4.87
C5 NAG C . 31.18 -11.23 -6.31
C6 NAG C . 32.40 -11.89 -6.93
C7 NAG C . 26.35 -10.69 -4.52
C8 NAG C . 25.20 -9.73 -4.34
N2 NAG C . 27.54 -10.17 -4.75
O3 NAG C . 29.43 -11.76 -3.08
O4 NAG C . 32.13 -11.37 -4.11
O5 NAG C . 30.03 -11.54 -7.06
O6 NAG C . 32.47 -13.23 -6.48
O7 NAG C . 26.17 -11.91 -4.46
C1 FUL C . 28.60 -7.09 -7.85
C2 FUL C . 29.93 -6.61 -7.27
O2 FUL C . 30.39 -7.36 -6.13
C3 FUL C . 30.91 -6.69 -8.43
O3 FUL C . 32.23 -6.31 -8.03
C4 FUL C . 30.43 -5.73 -9.56
O4 FUL C . 30.65 -4.38 -9.18
C5 FUL C . 28.92 -5.95 -9.89
C6 FUL C . 28.28 -4.83 -10.71
O5 FUL C . 28.09 -6.11 -8.70
N GLY D . -0.12 18.79 -6.54
CA GLY D . 1.03 18.92 -5.66
C GLY D . 2.16 19.68 -6.33
O GLY D . 2.33 19.63 -7.55
OXT GLY D . 2.96 20.35 -5.66
NA NA E . 19.51 12.47 -0.74
K K F . 8.71 -1.55 0.28
FAE MF5 G . 13.80 0.30 -0.05
CAS MF5 G . 13.44 -0.72 -0.71
CAQ MF5 G . 13.53 -1.97 -0.12
FAC MF5 G . 14.00 -2.07 1.15
CAP MF5 G . 13.14 -3.10 -0.82
FAB MF5 G . 13.22 -4.29 -0.25
CAR MF5 G . 12.66 -2.98 -2.12
FAD MF5 G . 12.28 -4.07 -2.81
CAT MF5 G . 12.58 -1.72 -2.72
FAF MF5 G . 12.12 -1.60 -3.98
CAU MF5 G . 12.97 -0.58 -2.01
CAL MF5 G . 12.89 0.67 -2.60
OAN MF5 G . 11.85 1.45 -1.98
NAM MF5 G . 10.57 1.10 -2.58
CAG MF5 G . 9.44 1.46 -1.94
CAO MF5 G . 8.30 1.07 -2.60
CAJ MF5 G . 8.44 0.41 -3.82
CAH MF5 G . 7.33 -0.02 -4.52
CAI MF5 G . 6.06 0.22 -4.02
CAK MF5 G . 5.93 0.89 -2.81
NAV MF5 G . 7.08 1.31 -2.11
CAA MF5 G . 6.91 2.02 -0.83
C1 NAG H . -0.79 32.47 4.33
C2 NAG H . -0.16 33.49 5.27
C3 NAG H . -0.73 34.89 5.01
C4 NAG H . -0.13 35.21 3.65
C5 NAG H . -0.82 34.28 2.65
C6 NAG H . -0.37 34.63 1.23
C7 NAG H . 0.94 32.68 7.24
C8 NAG H . 2.21 32.88 6.47
N2 NAG H . -0.19 33.11 6.68
O3 NAG H . -0.36 35.81 6.00
O4 NAG H . -0.29 36.57 3.30
O5 NAG H . -0.60 32.90 2.97
O6 NAG H . 0.49 33.66 0.69
O7 NAG H . 0.96 32.15 8.35
C1 NAG I . -24.69 13.89 -3.37
C2 NAG I . -25.88 14.68 -2.79
C3 NAG I . -26.61 13.92 -1.68
C4 NAG I . -27.07 12.59 -2.24
C5 NAG I . -25.81 11.82 -2.61
C6 NAG I . -26.14 10.40 -3.09
C7 NAG I . -25.59 17.08 -3.09
C8 NAG I . -26.45 16.97 -4.31
N2 NAG I . -25.49 15.99 -2.31
O3 NAG I . -27.70 14.66 -1.19
O4 NAG I . -27.85 11.90 -1.28
O5 NAG I . -25.10 12.54 -3.62
O6 NAG I . -24.98 9.62 -3.26
O7 NAG I . -25.01 18.13 -2.82
C1 NAG J . -11.19 8.01 -26.19
C2 NAG J . -10.24 8.46 -25.08
C3 NAG J . -9.91 9.94 -25.24
C4 NAG J . -9.22 10.10 -26.59
C5 NAG J . -10.20 9.71 -27.68
C6 NAG J . -9.49 9.78 -29.03
C7 NAG J . -10.33 7.26 -22.94
C8 NAG J . -10.98 7.20 -21.59
N2 NAG J . -10.79 8.19 -23.77
O3 NAG J . -9.10 10.39 -24.18
O4 NAG J . -8.76 11.43 -26.78
O5 NAG J . -10.75 8.41 -27.49
O6 NAG J . -9.59 8.54 -29.71
O7 NAG J . -9.42 6.46 -23.21
C1 NAG K . 2.06 -0.41 36.57
C2 NAG K . 1.34 -0.88 37.82
C3 NAG K . 0.06 -0.07 38.04
C4 NAG K . 0.14 1.41 37.65
C5 NAG K . 1.21 1.76 36.61
C6 NAG K . 1.59 3.23 36.68
C7 NAG K . 1.66 -3.25 38.40
C8 NAG K . 1.54 -4.65 37.88
N2 NAG K . 1.02 -2.30 37.72
O3 NAG K . -0.26 -0.13 39.42
O4 NAG K . -1.12 1.80 37.15
O5 NAG K . 2.36 0.95 36.73
O6 NAG K . 1.88 3.60 38.01
O7 NAG K . 2.31 -3.02 39.42
NA NA L . 9.12 6.04 -12.23
CA CA M . 3.41 -14.19 -16.98
CA CA N . -8.72 -2.56 -25.45
CL CL O . 5.88 -9.96 10.07
CL CL P . 20.38 -30.28 -5.40
CL CL Q . -10.55 -22.39 -17.20
CL CL R . 0.37 -18.15 -15.21
CA CA S . 12.82 11.26 13.30
CA CA T . -20.24 5.69 2.96
#